data_3UIP
#
_entry.id   3UIP
#
_cell.length_a   136.651
_cell.length_b   199.187
_cell.length_c   63.411
_cell.angle_alpha   90.000
_cell.angle_beta   90.000
_cell.angle_gamma   90.000
#
_symmetry.space_group_name_H-M   'C 2 2 21'
#
loop_
_entity.id
_entity.type
_entity.pdbx_description
1 polymer 'SUMO-conjugating enzyme UBC9'
2 polymer 'Small ubiquitin-related modifier 1'
3 polymer 'Ran GTPase-activating protein 1'
4 polymer 'E3 SUMO-protein ligase RanBP2'
5 water water
#
loop_
_entity_poly.entity_id
_entity_poly.type
_entity_poly.pdbx_seq_one_letter_code
_entity_poly.pdbx_strand_id
1 'polypeptide(L)'
;MSGIALSRLAQERKAWRKDHPFGFVAVPTKNPDGTMNLMNWECAIPGKKGTPWEGGLFKLRMLFKDDYPSSPPKCKFEPP
LFHPNVYPSGTV(CSD)LSILEEDKDWRPAITIKQILLGIQELLNEPNIQDPAQAEAYTIY(CME)QNRVEYEKRVRAQA
KKFAPS
;
A
2 'polypeptide(L)' EGEYIKLKVIGQDSSEIHFKVKMTTHLKKLKESYCQRQGVPMNSLRFLFEGQRIADNHTPKELGMEEEDVIEVYQEQTGG B
3 'polypeptide(L)'
;SLTGEPAPVLSSPPPADVSTFLAFPSPEKLLRLGPKSSVLIAQQTDTSDPEKVVSAFLKVSSVFKDEATVRMAVQDAVDA
LMQKAFNSSSFNSNTFLTRLLVHMGLLKSEDKVKAIANLYGPLMALNHMVQQDYFPKALAPLLLAFVTKPNSALESCSFA
RHSLLQTLYKV
;
C
4 'polypeptide(L)' SLDVLIVYELTPTVEEKAKADTLKLPPTFF(CME)YKNRPDYVSEEEEDDEDFETAVKKLNGKLYLDGSEK D
#
# COMPACT_ATOMS: atom_id res chain seq x y z
N SER A 2 -5.44 26.95 3.79
CA SER A 2 -6.76 27.58 3.77
C SER A 2 -6.85 28.64 2.66
N GLY A 3 -7.18 28.21 1.46
CA GLY A 3 -7.40 26.80 1.17
C GLY A 3 -8.86 26.39 1.07
N ILE A 4 -9.10 25.36 0.27
CA ILE A 4 -10.42 24.80 0.06
C ILE A 4 -10.73 23.50 0.82
N ALA A 5 -9.79 23.02 1.63
CA ALA A 5 -9.88 21.69 2.24
C ALA A 5 -11.20 21.43 2.96
N LEU A 6 -11.54 22.31 3.89
CA LEU A 6 -12.76 22.13 4.67
C LEU A 6 -14.03 22.25 3.80
N SER A 7 -14.07 23.25 2.93
CA SER A 7 -15.20 23.40 2.01
C SER A 7 -15.39 22.15 1.18
N ARG A 8 -14.32 21.69 0.56
CA ARG A 8 -14.37 20.47 -0.22
C ARG A 8 -14.76 19.25 0.60
N LEU A 9 -14.13 19.07 1.76
CA LEU A 9 -14.40 17.90 2.59
C LEU A 9 -15.87 17.88 3.03
N ALA A 10 -16.39 19.06 3.36
CA ALA A 10 -17.80 19.18 3.69
C ALA A 10 -18.67 18.76 2.51
N GLN A 11 -18.28 19.15 1.29
CA GLN A 11 -19.06 18.75 0.12
C GLN A 11 -18.97 17.24 -0.12
N GLU A 12 -17.78 16.67 0.03
CA GLU A 12 -17.62 15.23 -0.15
C GLU A 12 -18.46 14.45 0.86
N ARG A 13 -18.51 14.95 2.08
CA ARG A 13 -19.33 14.34 3.11
C ARG A 13 -20.82 14.45 2.76
N LYS A 14 -21.27 15.61 2.30
CA LYS A 14 -22.67 15.80 1.87
C LYS A 14 -23.04 14.82 0.75
N ALA A 15 -22.17 14.73 -0.25
CA ALA A 15 -22.35 13.80 -1.35
C ALA A 15 -22.32 12.33 -0.92
N TRP A 16 -21.42 11.99 0.00
CA TRP A 16 -21.29 10.61 0.44
C TRP A 16 -22.60 10.12 1.05
N ARG A 17 -23.23 10.96 1.86
CA ARG A 17 -24.46 10.55 2.54
C ARG A 17 -25.56 10.24 1.54
N LYS A 18 -25.60 11.01 0.45
CA LYS A 18 -26.55 10.79 -0.63
C LYS A 18 -26.16 9.63 -1.54
N ASP A 19 -24.93 9.63 -2.03
CA ASP A 19 -24.50 8.61 -2.97
C ASP A 19 -23.15 7.96 -2.60
N HIS A 20 -23.20 6.71 -2.16
CA HIS A 20 -21.99 5.96 -1.82
C HIS A 20 -22.15 4.45 -2.05
N PRO A 21 -21.05 3.78 -2.40
CA PRO A 21 -21.05 2.33 -2.66
C PRO A 21 -21.52 1.52 -1.47
N PHE A 22 -22.31 0.49 -1.74
CA PHE A 22 -22.93 -0.29 -0.69
C PHE A 22 -21.89 -1.02 0.15
N GLY A 23 -22.05 -0.97 1.47
CA GLY A 23 -21.22 -1.74 2.37
C GLY A 23 -19.96 -1.02 2.81
N PHE A 24 -19.82 0.23 2.39
CA PHE A 24 -18.66 1.06 2.74
C PHE A 24 -19.09 2.09 3.77
N VAL A 25 -18.17 2.48 4.63
CA VAL A 25 -18.43 3.55 5.57
C VAL A 25 -17.39 4.65 5.42
N ALA A 26 -17.82 5.90 5.33
CA ALA A 26 -16.88 7.01 5.47
C ALA A 26 -17.48 8.14 6.30
N VAL A 27 -16.91 8.40 7.48
CA VAL A 27 -17.46 9.41 8.37
C VAL A 27 -16.36 10.27 9.00
N PRO A 28 -16.56 11.58 9.06
CA PRO A 28 -15.60 12.42 9.79
C PRO A 28 -15.57 12.04 11.28
N THR A 29 -14.38 12.08 11.88
CA THR A 29 -14.28 11.75 13.29
C THR A 29 -14.84 12.91 14.11
N LYS A 30 -14.95 12.67 15.42
CA LYS A 30 -15.36 13.72 16.36
C LYS A 30 -14.12 14.24 17.05
N ASN A 31 -14.08 15.53 17.30
CA ASN A 31 -13.12 16.09 18.22
C ASN A 31 -13.55 15.71 19.64
N PRO A 32 -12.63 15.84 20.61
CA PRO A 32 -13.03 15.50 21.98
C PRO A 32 -14.30 16.24 22.46
N ASP A 33 -14.44 17.50 22.07
CA ASP A 33 -15.61 18.29 22.49
C ASP A 33 -16.91 17.89 21.78
N GLY A 34 -16.82 16.98 20.81
CA GLY A 34 -18.00 16.45 20.15
C GLY A 34 -18.26 17.05 18.77
N THR A 35 -17.52 18.10 18.43
CA THR A 35 -17.65 18.69 17.10
C THR A 35 -17.01 17.81 16.04
N MET A 36 -17.48 17.99 14.80
CA MET A 36 -17.00 17.23 13.65
C MET A 36 -15.59 17.64 13.27
N ASN A 37 -14.73 16.66 13.04
CA ASN A 37 -13.40 16.92 12.51
C ASN A 37 -13.32 16.43 11.05
N LEU A 38 -13.36 17.37 10.12
CA LEU A 38 -13.43 17.06 8.69
C LEU A 38 -12.08 16.66 8.14
N MET A 39 -11.02 16.95 8.90
CA MET A 39 -9.65 16.70 8.46
C MET A 39 -9.22 15.27 8.79
N ASN A 40 -10.06 14.57 9.52
CA ASN A 40 -9.75 13.20 9.91
C ASN A 40 -11.00 12.36 9.84
N TRP A 41 -11.01 11.37 8.96
CA TRP A 41 -12.19 10.52 8.80
C TRP A 41 -11.91 9.08 9.18
N GLU A 42 -12.94 8.44 9.70
CA GLU A 42 -12.90 7.01 9.87
C GLU A 42 -13.71 6.32 8.80
N CYS A 43 -13.11 5.31 8.19
CA CYS A 43 -13.71 4.61 7.08
C CYS A 43 -13.65 3.10 7.29
N ALA A 44 -14.48 2.39 6.55
CA ALA A 44 -14.50 0.95 6.59
C ALA A 44 -14.73 0.41 5.19
N ILE A 45 -13.89 -0.54 4.81
CA ILE A 45 -13.92 -1.11 3.48
C ILE A 45 -14.26 -2.59 3.54
N PRO A 46 -15.35 -2.99 2.85
CA PRO A 46 -15.62 -4.44 2.78
C PRO A 46 -14.66 -5.12 1.83
N GLY A 47 -14.22 -6.33 2.18
CA GLY A 47 -13.49 -7.16 1.23
C GLY A 47 -14.38 -7.45 0.03
N LYS A 48 -13.78 -7.65 -1.14
CA LYS A 48 -14.58 -7.94 -2.33
C LYS A 48 -15.22 -9.32 -2.22
N LYS A 49 -16.52 -9.37 -2.49
CA LYS A 49 -17.24 -10.63 -2.51
C LYS A 49 -16.59 -11.53 -3.55
N GLY A 50 -16.39 -12.80 -3.20
CA GLY A 50 -15.80 -13.75 -4.13
C GLY A 50 -14.28 -13.82 -4.06
N THR A 51 -13.70 -13.19 -3.03
CA THR A 51 -12.26 -13.25 -2.81
C THR A 51 -11.99 -13.72 -1.40
N PRO A 52 -10.76 -14.14 -1.12
CA PRO A 52 -10.42 -14.48 0.27
C PRO A 52 -10.66 -13.34 1.26
N TRP A 53 -10.87 -12.11 0.77
CA TRP A 53 -11.15 -10.96 1.63
C TRP A 53 -12.61 -10.86 2.02
N GLU A 54 -13.44 -11.67 1.38
CA GLU A 54 -14.89 -11.58 1.55
C GLU A 54 -15.29 -11.69 3.01
N GLY A 55 -16.20 -10.81 3.44
CA GLY A 55 -16.78 -10.88 4.76
C GLY A 55 -16.11 -9.98 5.77
N GLY A 56 -14.88 -9.57 5.46
CA GLY A 56 -14.15 -8.63 6.31
C GLY A 56 -14.64 -7.21 6.10
N LEU A 57 -14.66 -6.44 7.17
CA LEU A 57 -14.89 -5.01 7.07
C LEU A 57 -13.68 -4.33 7.71
N PHE A 58 -12.87 -3.69 6.88
CA PHE A 58 -11.54 -3.25 7.30
C PHE A 58 -11.51 -1.76 7.58
N LYS A 59 -11.27 -1.43 8.85
CA LYS A 59 -11.30 -0.05 9.34
C LYS A 59 -10.07 0.71 8.90
N LEU A 60 -10.28 1.95 8.50
CA LEU A 60 -9.21 2.76 7.94
C LEU A 60 -9.36 4.19 8.39
N ARG A 61 -8.23 4.80 8.72
CA ARG A 61 -8.15 6.19 9.07
C ARG A 61 -7.66 6.96 7.86
N MET A 62 -8.29 8.09 7.58
CA MET A 62 -7.92 8.92 6.44
C MET A 62 -7.56 10.31 6.94
N LEU A 63 -6.30 10.69 6.74
CA LEU A 63 -5.81 11.95 7.30
C LEU A 63 -5.52 12.98 6.22
N PHE A 64 -6.24 14.11 6.28
CA PHE A 64 -6.11 15.17 5.28
C PHE A 64 -5.24 16.29 5.81
N LYS A 65 -4.33 16.80 4.98
CA LYS A 65 -3.55 17.97 5.32
C LYS A 65 -4.33 19.21 4.91
N ASP A 66 -3.84 20.40 5.27
CA ASP A 66 -4.52 21.65 4.95
C ASP A 66 -4.55 21.96 3.45
N ASP A 67 -3.59 21.40 2.71
CA ASP A 67 -3.50 21.67 1.27
C ASP A 67 -4.29 20.69 0.41
N TYR A 68 -5.07 19.81 1.03
CA TYR A 68 -5.97 18.93 0.28
C TYR A 68 -6.88 19.83 -0.52
N PRO A 69 -7.21 19.46 -1.78
CA PRO A 69 -6.92 18.38 -2.74
C PRO A 69 -5.54 18.36 -3.42
N SER A 70 -4.74 19.41 -3.30
CA SER A 70 -3.39 19.40 -3.87
C SER A 70 -2.59 18.18 -3.42
N SER A 71 -2.75 17.80 -2.17
CA SER A 71 -2.06 16.62 -1.66
C SER A 71 -3.09 15.56 -1.36
N PRO A 72 -2.72 14.29 -1.49
CA PRO A 72 -3.60 13.16 -1.17
C PRO A 72 -3.72 13.00 0.34
N PRO A 73 -4.77 12.31 0.80
CA PRO A 73 -4.78 12.01 2.23
C PRO A 73 -3.78 10.89 2.54
N LYS A 74 -3.38 10.76 3.80
CA LYS A 74 -2.65 9.59 4.26
C LYS A 74 -3.65 8.54 4.75
N CYS A 75 -3.55 7.32 4.24
CA CYS A 75 -4.52 6.29 4.59
C CYS A 75 -3.87 5.20 5.40
N LYS A 76 -4.46 4.89 6.53
CA LYS A 76 -3.87 3.93 7.46
C LYS A 76 -4.89 2.95 7.99
N PHE A 77 -4.67 1.66 7.74
CA PHE A 77 -5.51 0.63 8.33
C PHE A 77 -5.33 0.58 9.84
N GLU A 78 -6.43 0.66 10.58
CA GLU A 78 -6.40 0.51 12.04
C GLU A 78 -7.27 -0.64 12.54
N PRO A 79 -6.66 -1.73 13.00
CA PRO A 79 -5.22 -1.96 13.16
C PRO A 79 -4.53 -2.24 11.81
N PRO A 80 -3.19 -2.33 11.81
CA PRO A 80 -2.46 -2.64 10.57
C PRO A 80 -2.94 -3.96 9.98
N LEU A 81 -2.99 -4.06 8.66
CA LEU A 81 -3.47 -5.26 7.96
C LEU A 81 -2.32 -6.04 7.38
N PHE A 82 -2.51 -7.36 7.31
CA PHE A 82 -1.58 -8.22 6.59
C PHE A 82 -1.88 -8.11 5.08
N HIS A 83 -0.90 -7.60 4.34
CA HIS A 83 -1.04 -7.32 2.90
C HIS A 83 0.29 -6.75 2.42
N PRO A 84 0.75 -7.20 1.25
CA PRO A 84 2.09 -6.83 0.77
C PRO A 84 2.34 -5.34 0.64
N ASN A 85 1.30 -4.55 0.34
CA ASN A 85 1.44 -3.09 0.13
C ASN A 85 1.01 -2.21 1.28
N VAL A 86 0.80 -2.84 2.43
CA VAL A 86 0.55 -2.10 3.65
C VAL A 86 1.75 -2.19 4.61
N TYR A 87 2.23 -1.04 5.06
CA TYR A 87 3.33 -0.96 6.03
C TYR A 87 2.89 -1.54 7.36
N PRO A 88 3.87 -2.04 8.13
CA PRO A 88 3.66 -2.49 9.52
C PRO A 88 2.92 -1.43 10.31
N SER A 89 3.12 -0.16 10.01
CA SER A 89 2.40 0.90 10.71
C SER A 89 0.90 0.94 10.35
N GLY A 90 0.53 0.24 9.26
CA GLY A 90 -0.84 0.29 8.76
C GLY A 90 -1.01 1.18 7.52
N THR A 91 0.01 1.99 7.22
CA THR A 91 -0.07 2.94 6.11
C THR A 91 -0.15 2.23 4.79
N VAL A 92 -1.14 2.61 3.98
CA VAL A 92 -1.33 2.02 2.65
C VAL A 92 -0.48 2.72 1.60
N LEU A 94 -0.31 3.17 -2.37
CA LEU A 94 -1.03 2.99 -3.62
C LEU A 94 -0.66 4.18 -4.52
N SER A 95 -0.42 3.91 -5.79
CA SER A 95 0.04 4.93 -6.73
C SER A 95 -0.85 6.18 -6.75
N ILE A 96 -2.18 6.00 -6.78
CA ILE A 96 -3.09 7.15 -6.79
C ILE A 96 -3.10 7.94 -5.47
N LEU A 97 -2.45 7.40 -4.44
CA LEU A 97 -2.31 8.08 -3.14
C LEU A 97 -0.97 8.78 -2.98
N GLU A 98 -0.18 8.83 -4.05
CA GLU A 98 1.15 9.43 -3.98
C GLU A 98 1.23 10.66 -4.85
N GLU A 99 1.57 11.79 -4.24
CA GLU A 99 1.66 13.08 -4.95
C GLU A 99 2.67 13.10 -6.11
N ASP A 100 3.72 12.29 -6.02
CA ASP A 100 4.77 12.19 -7.05
C ASP A 100 4.39 11.24 -8.18
N LYS A 101 3.16 10.78 -8.13
CA LYS A 101 2.67 9.61 -8.84
C LYS A 101 1.29 9.95 -9.37
N ASP A 102 0.37 9.00 -9.33
CA ASP A 102 -0.96 9.17 -9.91
C ASP A 102 -1.98 9.98 -9.12
N TRP A 103 -1.60 10.56 -7.98
CA TRP A 103 -2.55 11.47 -7.32
C TRP A 103 -2.90 12.70 -8.16
N ARG A 104 -4.19 13.02 -8.25
CA ARG A 104 -4.65 14.25 -8.88
C ARG A 104 -5.76 14.79 -7.98
N PRO A 105 -5.89 16.12 -7.89
CA PRO A 105 -6.93 16.74 -7.07
C PRO A 105 -8.35 16.24 -7.37
N ALA A 106 -8.60 15.80 -8.60
CA ALA A 106 -9.93 15.35 -8.97
C ALA A 106 -10.28 13.99 -8.36
N ILE A 107 -9.27 13.29 -7.85
CA ILE A 107 -9.54 12.03 -7.16
C ILE A 107 -10.22 12.32 -5.83
N THR A 108 -11.34 11.64 -5.58
CA THR A 108 -12.13 11.87 -4.37
C THR A 108 -12.02 10.74 -3.34
N ILE A 109 -12.61 10.97 -2.17
CA ILE A 109 -12.63 10.00 -1.09
C ILE A 109 -13.28 8.70 -1.55
N LYS A 110 -14.40 8.83 -2.27
CA LYS A 110 -15.11 7.66 -2.78
C LYS A 110 -14.19 6.84 -3.71
N GLN A 111 -13.52 7.55 -4.60
CA GLN A 111 -12.62 6.91 -5.54
C GLN A 111 -11.42 6.27 -4.82
N ILE A 112 -10.93 6.92 -3.77
CA ILE A 112 -9.85 6.37 -2.96
C ILE A 112 -10.24 5.04 -2.29
N LEU A 113 -11.42 5.02 -1.66
CA LEU A 113 -11.87 3.83 -0.96
C LEU A 113 -12.08 2.63 -1.90
N LEU A 114 -12.64 2.89 -3.07
CA LEU A 114 -12.83 1.83 -4.07
C LEU A 114 -11.46 1.36 -4.59
N GLY A 115 -10.53 2.29 -4.72
CA GLY A 115 -9.16 1.94 -5.10
C GLY A 115 -8.45 1.03 -4.09
N ILE A 116 -8.51 1.41 -2.83
CA ILE A 116 -7.96 0.60 -1.75
C ILE A 116 -8.64 -0.78 -1.71
N GLN A 117 -9.97 -0.80 -1.84
CA GLN A 117 -10.67 -2.09 -1.95
C GLN A 117 -10.10 -2.94 -3.09
N GLU A 118 -9.93 -2.31 -4.25
CA GLU A 118 -9.34 -3.04 -5.38
C GLU A 118 -7.95 -3.55 -5.03
N LEU A 119 -7.19 -2.76 -4.28
CA LEU A 119 -5.82 -3.15 -3.91
C LEU A 119 -5.77 -4.45 -3.08
N LEU A 120 -6.76 -4.67 -2.23
CA LEU A 120 -6.76 -5.80 -1.29
C LEU A 120 -6.40 -7.12 -1.96
N ASN A 121 -7.13 -7.46 -3.02
CA ASN A 121 -6.90 -8.71 -3.73
C ASN A 121 -6.01 -8.56 -4.95
N GLU A 122 -5.50 -7.36 -5.19
CA GLU A 122 -4.57 -7.14 -6.30
C GLU A 122 -3.29 -6.43 -5.85
N PRO A 123 -2.49 -7.09 -5.00
CA PRO A 123 -1.25 -6.47 -4.53
C PRO A 123 -0.19 -6.34 -5.62
N ASN A 124 0.72 -5.38 -5.47
CA ASN A 124 1.90 -5.36 -6.34
C ASN A 124 3.05 -5.97 -5.53
N ILE A 125 3.41 -7.19 -5.89
CA ILE A 125 4.41 -7.96 -5.15
C ILE A 125 5.84 -7.53 -5.52
N GLN A 126 6.00 -6.81 -6.62
CA GLN A 126 7.32 -6.34 -7.03
C GLN A 126 7.84 -5.24 -6.11
N ASP A 127 6.94 -4.57 -5.40
CA ASP A 127 7.32 -3.46 -4.56
C ASP A 127 6.56 -3.49 -3.22
N PRO A 128 6.87 -4.46 -2.36
CA PRO A 128 6.17 -4.63 -1.08
C PRO A 128 6.48 -3.54 -0.05
N ALA A 129 5.50 -3.22 0.79
CA ALA A 129 5.67 -2.33 1.93
C ALA A 129 6.02 -3.08 3.22
N GLN A 130 5.89 -4.41 3.22
CA GLN A 130 6.23 -5.17 4.41
C GLN A 130 6.90 -6.48 4.03
N ALA A 131 7.86 -6.90 4.84
CA ALA A 131 8.57 -8.15 4.58
C ALA A 131 7.68 -9.39 4.77
N GLU A 132 6.82 -9.35 5.79
CA GLU A 132 6.08 -10.53 6.23
C GLU A 132 5.11 -11.03 5.15
N ALA A 133 4.16 -10.20 4.74
CA ALA A 133 3.19 -10.63 3.73
C ALA A 133 3.86 -10.95 2.39
N TYR A 134 4.92 -10.23 2.06
CA TYR A 134 5.67 -10.55 0.83
C TYR A 134 6.22 -11.95 0.88
N THR A 135 6.90 -12.27 2.00
CA THR A 135 7.57 -13.55 2.11
C THR A 135 6.56 -14.70 2.01
N ILE A 136 5.47 -14.61 2.73
CA ILE A 136 4.46 -15.68 2.71
C ILE A 136 3.78 -15.80 1.33
N TYR A 137 3.40 -14.67 0.75
CA TYR A 137 2.86 -14.63 -0.60
C TYR A 137 3.73 -15.39 -1.59
N GLN A 139 6.50 -17.37 -0.92
CA GLN A 139 6.93 -18.72 -0.56
C GLN A 139 5.79 -19.74 -0.49
N ASN A 140 4.66 -19.33 0.06
CA ASN A 140 3.53 -20.24 0.17
C ASN A 140 2.20 -19.51 -0.08
N ARG A 141 1.67 -19.63 -1.29
CA ARG A 141 0.51 -18.81 -1.65
C ARG A 141 -0.71 -19.33 -0.93
N VAL A 142 -0.75 -20.64 -0.73
CA VAL A 142 -1.84 -21.27 0.00
C VAL A 142 -1.87 -20.76 1.44
N GLU A 143 -0.70 -20.71 2.07
CA GLU A 143 -0.63 -20.14 3.42
C GLU A 143 -1.03 -18.65 3.42
N TYR A 144 -0.61 -17.95 2.38
CA TYR A 144 -1.00 -16.55 2.23
C TYR A 144 -2.52 -16.35 2.23
N GLU A 145 -3.23 -17.12 1.41
CA GLU A 145 -4.69 -17.03 1.32
C GLU A 145 -5.36 -17.42 2.64
N LYS A 146 -4.78 -18.41 3.31
CA LYS A 146 -5.26 -18.81 4.62
C LYS A 146 -5.20 -17.64 5.63
N ARG A 147 -4.08 -16.93 5.63
CA ARG A 147 -3.93 -15.79 6.54
C ARG A 147 -4.94 -14.70 6.22
N VAL A 148 -5.16 -14.46 4.92
CA VAL A 148 -6.14 -13.48 4.45
C VAL A 148 -7.55 -13.83 4.92
N ARG A 149 -7.93 -15.08 4.74
CA ARG A 149 -9.23 -15.56 5.18
C ARG A 149 -9.38 -15.46 6.70
N ALA A 150 -8.33 -15.81 7.44
CA ALA A 150 -8.41 -15.70 8.90
C ALA A 150 -8.62 -14.25 9.32
N GLN A 151 -7.93 -13.35 8.62
CA GLN A 151 -7.99 -11.92 8.89
C GLN A 151 -9.37 -11.35 8.53
N ALA A 152 -9.97 -11.88 7.46
CA ALA A 152 -11.29 -11.41 7.04
C ALA A 152 -12.32 -11.83 8.07
N LYS A 153 -12.13 -13.03 8.63
CA LYS A 153 -13.03 -13.53 9.65
C LYS A 153 -12.90 -12.70 10.90
N LYS A 154 -11.67 -12.42 11.30
CA LYS A 154 -11.41 -11.61 12.47
C LYS A 154 -12.12 -10.25 12.40
N PHE A 155 -12.15 -9.67 11.21
CA PHE A 155 -12.78 -8.36 11.00
C PHE A 155 -14.21 -8.39 10.47
N ALA A 156 -14.79 -9.58 10.39
CA ALA A 156 -16.21 -9.70 10.05
C ALA A 156 -17.04 -8.89 11.05
N PRO A 157 -17.97 -8.07 10.53
CA PRO A 157 -18.79 -7.17 11.35
C PRO A 157 -19.64 -7.92 12.38
N SER A 158 -19.85 -7.29 13.54
CA SER A 158 -20.77 -7.82 14.55
C SER A 158 -22.22 -7.66 14.10
N GLU B 3 -29.46 -7.17 -31.79
CA GLU B 3 -28.38 -6.70 -32.66
C GLU B 3 -27.67 -5.50 -32.08
N TYR B 4 -28.41 -4.66 -31.36
CA TYR B 4 -27.90 -3.38 -30.90
C TYR B 4 -28.35 -3.03 -29.49
N ILE B 5 -27.41 -2.65 -28.62
CA ILE B 5 -27.76 -2.15 -27.29
C ILE B 5 -27.05 -0.87 -26.84
N LYS B 6 -27.67 -0.26 -25.83
CA LYS B 6 -27.16 0.94 -25.18
C LYS B 6 -26.46 0.55 -23.88
N LEU B 7 -25.20 0.94 -23.77
CA LEU B 7 -24.44 0.70 -22.54
C LEU B 7 -24.04 2.01 -21.84
N LYS B 8 -24.11 2.00 -20.52
CA LYS B 8 -23.71 3.14 -19.71
C LYS B 8 -22.33 2.90 -19.11
N VAL B 9 -21.35 3.71 -19.52
CA VAL B 9 -20.02 3.63 -18.93
C VAL B 9 -19.82 4.70 -17.85
N ILE B 10 -19.67 4.24 -16.61
CA ILE B 10 -19.62 5.13 -15.45
C ILE B 10 -18.27 5.09 -14.77
N GLY B 11 -17.69 6.28 -14.58
CA GLY B 11 -16.44 6.40 -13.87
C GLY B 11 -16.67 6.50 -12.36
N GLN B 12 -15.61 6.25 -11.60
CA GLN B 12 -15.69 6.44 -10.16
C GLN B 12 -15.61 7.93 -9.82
N ASP B 13 -15.28 8.74 -10.83
CA ASP B 13 -15.30 10.20 -10.71
C ASP B 13 -16.68 10.80 -10.99
N SER B 14 -17.67 9.94 -11.23
CA SER B 14 -19.06 10.31 -11.57
C SER B 14 -19.31 10.62 -13.07
N SER B 15 -18.25 10.68 -13.86
CA SER B 15 -18.38 10.82 -15.31
C SER B 15 -19.21 9.67 -15.89
N GLU B 16 -20.02 9.97 -16.88
CA GLU B 16 -20.90 8.98 -17.49
C GLU B 16 -21.03 9.22 -18.99
N ILE B 17 -20.78 8.19 -19.79
CA ILE B 17 -20.99 8.23 -21.23
C ILE B 17 -21.83 7.01 -21.64
N HIS B 18 -22.82 7.21 -22.50
CA HIS B 18 -23.61 6.10 -22.99
C HIS B 18 -23.24 5.79 -24.43
N PHE B 19 -23.32 4.50 -24.79
CA PHE B 19 -22.90 4.06 -26.11
C PHE B 19 -23.97 3.21 -26.75
N LYS B 20 -24.16 3.39 -28.05
CA LYS B 20 -24.90 2.42 -28.82
C LYS B 20 -23.83 1.45 -29.29
N VAL B 21 -23.98 0.18 -28.95
CA VAL B 21 -22.98 -0.80 -29.31
C VAL B 21 -23.61 -2.05 -29.95
N LYS B 22 -22.97 -2.52 -31.02
CA LYS B 22 -23.38 -3.73 -31.73
C LYS B 22 -23.14 -4.94 -30.82
N MET B 23 -24.18 -5.75 -30.63
CA MET B 23 -24.14 -6.89 -29.71
C MET B 23 -23.02 -7.89 -30.05
N THR B 24 -22.54 -7.85 -31.29
CA THR B 24 -21.49 -8.75 -31.71
C THR B 24 -20.07 -8.16 -31.69
N THR B 25 -19.95 -6.91 -31.24
CA THR B 25 -18.64 -6.23 -31.33
C THR B 25 -17.60 -6.51 -30.25
N HIS B 26 -16.34 -6.33 -30.65
CA HIS B 26 -15.22 -6.42 -29.74
C HIS B 26 -15.25 -5.22 -28.80
N LEU B 27 -15.32 -5.50 -27.50
CA LEU B 27 -15.51 -4.46 -26.51
C LEU B 27 -14.35 -3.48 -26.36
N LYS B 28 -13.22 -3.76 -26.99
CA LYS B 28 -12.12 -2.80 -26.93
C LYS B 28 -12.43 -1.54 -27.72
N LYS B 29 -13.30 -1.69 -28.72
CA LYS B 29 -13.75 -0.53 -29.50
C LYS B 29 -14.49 0.47 -28.60
N LEU B 30 -15.31 -0.05 -27.70
CA LEU B 30 -15.94 0.77 -26.68
C LEU B 30 -14.89 1.46 -25.80
N LYS B 31 -13.85 0.74 -25.42
CA LYS B 31 -12.82 1.29 -24.54
C LYS B 31 -12.00 2.34 -25.26
N GLU B 32 -11.70 2.08 -26.53
CA GLU B 32 -10.93 3.02 -27.35
C GLU B 32 -11.71 4.31 -27.50
N SER B 33 -13.00 4.17 -27.82
CA SER B 33 -13.86 5.30 -28.04
C SER B 33 -13.93 6.12 -26.76
N TYR B 34 -14.12 5.41 -25.65
CA TYR B 34 -14.19 6.07 -24.34
C TYR B 34 -12.89 6.78 -23.96
N CYS B 35 -11.75 6.13 -24.20
CA CYS B 35 -10.47 6.75 -23.88
C CYS B 35 -10.17 7.90 -24.84
N GLN B 36 -10.59 7.72 -26.09
CA GLN B 36 -10.49 8.76 -27.09
C GLN B 36 -11.27 10.00 -26.64
N ARG B 37 -12.49 9.79 -26.16
CA ARG B 37 -13.32 10.90 -25.70
C ARG B 37 -12.76 11.59 -24.46
N GLN B 38 -12.34 10.80 -23.46
CA GLN B 38 -11.83 11.39 -22.23
C GLN B 38 -10.43 12.00 -22.40
N GLY B 39 -9.74 11.56 -23.44
CA GLY B 39 -8.43 12.11 -23.76
C GLY B 39 -7.32 11.57 -22.88
N VAL B 40 -7.42 10.29 -22.52
CA VAL B 40 -6.41 9.63 -21.71
C VAL B 40 -5.99 8.34 -22.42
N PRO B 41 -4.77 7.86 -22.14
CA PRO B 41 -4.32 6.63 -22.82
C PRO B 41 -5.19 5.43 -22.46
N MET B 42 -5.18 4.43 -23.33
CA MET B 42 -5.96 3.23 -23.14
C MET B 42 -5.48 2.45 -21.92
N ASN B 43 -4.17 2.52 -21.66
CA ASN B 43 -3.57 1.75 -20.58
C ASN B 43 -3.69 2.42 -19.22
N SER B 44 -4.37 3.56 -19.19
CA SER B 44 -4.52 4.28 -17.94
C SER B 44 -5.85 3.96 -17.26
N LEU B 45 -6.67 3.14 -17.90
CA LEU B 45 -8.01 2.89 -17.39
C LEU B 45 -8.33 1.43 -17.41
N ARG B 46 -9.14 1.01 -16.45
CA ARG B 46 -9.61 -0.35 -16.40
C ARG B 46 -11.14 -0.35 -16.45
N PHE B 47 -11.69 -1.24 -17.27
CA PHE B 47 -13.14 -1.33 -17.45
C PHE B 47 -13.68 -2.63 -16.90
N LEU B 48 -14.69 -2.56 -16.06
CA LEU B 48 -15.27 -3.75 -15.45
C LEU B 48 -16.73 -3.93 -15.78
N PHE B 49 -17.17 -5.18 -15.89
CA PHE B 49 -18.59 -5.51 -15.96
C PHE B 49 -18.94 -6.64 -15.00
N GLU B 50 -19.92 -6.40 -14.14
CA GLU B 50 -20.30 -7.33 -13.09
C GLU B 50 -19.11 -7.76 -12.24
N GLY B 51 -18.22 -6.80 -11.96
CA GLY B 51 -17.04 -7.04 -11.15
C GLY B 51 -15.79 -7.48 -11.89
N GLN B 52 -15.96 -7.97 -13.11
CA GLN B 52 -14.85 -8.59 -13.85
C GLN B 52 -14.28 -7.74 -14.97
N ARG B 53 -12.96 -7.81 -15.15
CA ARG B 53 -12.27 -7.09 -16.22
C ARG B 53 -12.81 -7.48 -17.58
N ILE B 54 -12.84 -6.51 -18.49
CA ILE B 54 -13.35 -6.73 -19.83
C ILE B 54 -12.19 -6.92 -20.81
N ALA B 55 -12.12 -8.10 -21.41
CA ALA B 55 -11.06 -8.37 -22.37
C ALA B 55 -11.37 -7.66 -23.68
N ASP B 56 -10.32 -7.18 -24.33
CA ASP B 56 -10.49 -6.47 -25.60
C ASP B 56 -11.34 -7.26 -26.61
N ASN B 57 -11.23 -8.59 -26.58
CA ASN B 57 -11.96 -9.43 -27.51
C ASN B 57 -13.30 -9.91 -26.99
N HIS B 58 -13.63 -9.52 -25.77
CA HIS B 58 -14.94 -9.86 -25.25
C HIS B 58 -16.03 -9.10 -26.01
N THR B 59 -17.19 -9.72 -26.11
CA THR B 59 -18.28 -9.19 -26.89
C THR B 59 -19.49 -9.11 -25.99
N PRO B 60 -20.33 -8.07 -26.16
CA PRO B 60 -21.53 -7.96 -25.32
C PRO B 60 -22.33 -9.26 -25.24
N LYS B 61 -22.34 -10.02 -26.33
CA LYS B 61 -23.03 -11.30 -26.33
C LYS B 61 -22.37 -12.25 -25.34
N GLU B 62 -21.04 -12.35 -25.43
CA GLU B 62 -20.26 -13.31 -24.67
C GLU B 62 -20.27 -12.99 -23.18
N LEU B 63 -20.48 -11.72 -22.84
CA LEU B 63 -20.57 -11.32 -21.45
C LEU B 63 -22.02 -11.35 -20.95
N GLY B 64 -22.95 -11.54 -21.87
CA GLY B 64 -24.36 -11.58 -21.53
C GLY B 64 -24.90 -10.22 -21.17
N MET B 65 -24.45 -9.21 -21.90
CA MET B 65 -24.87 -7.84 -21.64
C MET B 65 -26.27 -7.55 -22.13
N GLU B 66 -27.11 -7.05 -21.23
CA GLU B 66 -28.46 -6.66 -21.57
C GLU B 66 -28.52 -5.17 -21.87
N GLU B 67 -29.71 -4.68 -22.14
CA GLU B 67 -29.93 -3.27 -22.44
C GLU B 67 -29.72 -2.41 -21.20
N GLU B 68 -29.08 -1.26 -21.39
CA GLU B 68 -28.83 -0.30 -20.31
C GLU B 68 -27.99 -0.89 -19.17
N ASP B 69 -27.23 -1.93 -19.48
CA ASP B 69 -26.29 -2.47 -18.53
C ASP B 69 -25.18 -1.46 -18.28
N VAL B 70 -24.52 -1.59 -17.14
CA VAL B 70 -23.50 -0.65 -16.72
C VAL B 70 -22.11 -1.25 -16.80
N ILE B 71 -21.19 -0.50 -17.40
CA ILE B 71 -19.78 -0.79 -17.29
C ILE B 71 -19.13 0.21 -16.33
N GLU B 72 -18.40 -0.28 -15.32
CA GLU B 72 -17.70 0.61 -14.40
C GLU B 72 -16.26 0.81 -14.86
N VAL B 73 -15.76 2.04 -14.80
CA VAL B 73 -14.36 2.27 -15.21
C VAL B 73 -13.53 2.85 -14.06
N TYR B 74 -12.32 2.32 -13.89
CA TYR B 74 -11.45 2.73 -12.77
C TYR B 74 -10.10 3.24 -13.26
N GLN B 75 -9.51 4.17 -12.51
CA GLN B 75 -8.15 4.60 -12.80
C GLN B 75 -7.20 3.41 -12.62
N GLU B 76 -6.28 3.20 -13.55
CA GLU B 76 -5.23 2.19 -13.34
C GLU B 76 -4.39 2.55 -12.13
N GLN B 77 -4.04 1.54 -11.33
CA GLN B 77 -3.27 1.78 -10.10
C GLN B 77 -2.39 0.59 -9.79
N THR B 78 -1.35 0.81 -8.97
CA THR B 78 -0.51 -0.28 -8.49
C THR B 78 -0.11 -0.03 -7.04
N GLY B 79 -0.12 -1.07 -6.23
CA GLY B 79 0.35 -0.95 -4.86
C GLY B 79 1.83 -0.60 -4.83
N GLY B 80 2.30 -0.10 -3.70
CA GLY B 80 3.72 0.21 -3.57
C GLY B 80 4.32 -0.22 -2.24
N ALA C 16 36.97 5.39 23.68
CA ALA C 16 37.14 6.60 22.87
C ALA C 16 37.55 6.29 21.42
N ASP C 17 38.52 5.40 21.25
CA ASP C 17 38.88 4.94 19.93
C ASP C 17 37.75 4.08 19.33
N VAL C 18 37.04 3.35 20.18
CA VAL C 18 35.87 2.58 19.75
C VAL C 18 34.80 3.50 19.17
N SER C 19 34.55 4.61 19.85
CA SER C 19 33.65 5.63 19.33
C SER C 19 34.15 6.18 17.97
N THR C 20 35.45 6.39 17.88
CA THR C 20 36.07 6.89 16.65
C THR C 20 35.94 5.87 15.52
N PHE C 21 36.11 4.58 15.87
CA PHE C 21 35.90 3.54 14.88
C PHE C 21 34.48 3.57 14.30
N LEU C 22 33.47 3.69 15.17
CA LEU C 22 32.09 3.66 14.72
C LEU C 22 31.74 4.86 13.82
N ALA C 23 32.39 5.99 14.08
CA ALA C 23 32.12 7.19 13.30
C ALA C 23 32.80 7.13 11.94
N PHE C 24 33.98 6.53 11.89
CA PHE C 24 34.73 6.44 10.64
C PHE C 24 35.35 5.06 10.48
N PRO C 25 34.51 4.05 10.22
CA PRO C 25 34.96 2.66 10.19
C PRO C 25 36.05 2.39 9.15
N SER C 26 37.07 1.65 9.57
CA SER C 26 38.06 1.15 8.64
C SER C 26 38.45 -0.20 9.22
N PRO C 27 38.92 -1.10 8.38
CA PRO C 27 39.37 -2.37 8.96
C PRO C 27 40.58 -2.20 9.92
N GLU C 28 41.40 -1.17 9.69
CA GLU C 28 42.57 -0.93 10.53
C GLU C 28 42.19 -0.54 11.94
N LYS C 29 41.26 0.40 12.06
CA LYS C 29 40.79 0.81 13.37
C LYS C 29 40.12 -0.32 14.12
N LEU C 30 39.40 -1.19 13.39
CA LEU C 30 38.71 -2.30 14.04
C LEU C 30 39.75 -3.22 14.68
N LEU C 31 40.77 -3.56 13.90
CA LEU C 31 41.84 -4.42 14.39
C LEU C 31 42.59 -3.79 15.59
N ARG C 32 42.87 -2.49 15.48
CA ARG C 32 43.72 -1.82 16.47
C ARG C 32 43.03 -1.66 17.81
N LEU C 33 41.73 -1.91 17.85
CA LEU C 33 41.01 -1.92 19.12
C LEU C 33 41.47 -3.12 19.94
N GLY C 34 42.01 -4.13 19.27
CA GLY C 34 42.50 -5.31 19.96
C GLY C 34 41.42 -6.35 20.22
N PRO C 35 41.77 -7.43 20.93
CA PRO C 35 40.88 -8.56 21.26
C PRO C 35 39.60 -8.18 22.04
N LYS C 36 39.56 -6.98 22.60
CA LYS C 36 38.37 -6.53 23.32
C LYS C 36 37.39 -5.82 22.40
N SER C 37 37.73 -5.65 21.12
CA SER C 37 36.89 -4.87 20.20
C SER C 37 35.43 -5.34 20.19
N SER C 38 35.23 -6.65 20.21
CA SER C 38 33.90 -7.23 20.13
C SER C 38 33.01 -6.78 21.28
N VAL C 39 33.49 -7.03 22.51
CA VAL C 39 32.79 -6.63 23.72
C VAL C 39 32.57 -5.12 23.79
N LEU C 40 33.58 -4.36 23.37
CA LEU C 40 33.53 -2.91 23.49
C LEU C 40 32.47 -2.32 22.58
N ILE C 41 32.42 -2.84 21.37
CA ILE C 41 31.43 -2.39 20.40
C ILE C 41 30.01 -2.75 20.90
N ALA C 42 29.83 -3.98 21.37
CA ALA C 42 28.53 -4.40 21.90
C ALA C 42 28.10 -3.54 23.08
N GLN C 43 29.03 -3.27 24.01
CA GLN C 43 28.73 -2.44 25.18
C GLN C 43 28.39 -1.02 24.78
N GLN C 44 29.09 -0.50 23.79
CA GLN C 44 28.86 0.89 23.34
C GLN C 44 27.47 1.07 22.72
N THR C 45 26.94 -0.01 22.14
CA THR C 45 25.72 0.05 21.36
C THR C 45 24.48 -0.16 22.23
N ASP C 46 23.42 0.58 21.95
CA ASP C 46 22.18 0.37 22.68
C ASP C 46 21.47 -0.77 21.95
N THR C 47 21.51 -1.93 22.59
CA THR C 47 21.07 -3.16 21.95
C THR C 47 19.62 -3.41 22.21
N SER C 48 18.95 -2.43 22.80
CA SER C 48 17.51 -2.47 22.95
C SER C 48 16.79 -1.82 21.75
N ASP C 49 17.56 -1.12 20.92
CA ASP C 49 17.00 -0.35 19.81
C ASP C 49 17.39 -0.95 18.45
N PRO C 50 16.41 -1.54 17.76
CA PRO C 50 16.67 -2.20 16.47
C PRO C 50 17.36 -1.30 15.44
N GLU C 51 16.95 -0.05 15.33
CA GLU C 51 17.58 0.88 14.39
C GLU C 51 19.06 1.10 14.72
N LYS C 52 19.36 1.21 16.01
CA LYS C 52 20.73 1.45 16.45
C LYS C 52 21.57 0.20 16.26
N VAL C 53 20.96 -0.96 16.46
CA VAL C 53 21.67 -2.21 16.24
C VAL C 53 21.99 -2.40 14.75
N VAL C 54 21.02 -2.08 13.88
CA VAL C 54 21.25 -2.11 12.45
C VAL C 54 22.40 -1.19 12.06
N SER C 55 22.38 0.02 12.61
CA SER C 55 23.45 0.98 12.36
C SER C 55 24.82 0.40 12.73
N ALA C 56 24.92 -0.16 13.92
CA ALA C 56 26.18 -0.77 14.37
C ALA C 56 26.55 -1.99 13.53
N PHE C 57 25.56 -2.79 13.16
CA PHE C 57 25.83 -3.97 12.35
C PHE C 57 26.41 -3.59 10.98
N LEU C 58 25.88 -2.52 10.41
CA LEU C 58 26.32 -2.05 9.10
C LEU C 58 27.69 -1.36 9.17
N LYS C 59 27.93 -0.58 10.22
CA LYS C 59 29.23 0.05 10.40
C LYS C 59 30.33 -1.00 10.51
N VAL C 60 30.11 -1.99 11.35
CA VAL C 60 31.06 -3.09 11.52
C VAL C 60 31.26 -3.91 10.25
N SER C 61 30.17 -4.32 9.59
CA SER C 61 30.32 -5.18 8.42
C SER C 61 30.85 -4.40 7.21
N SER C 62 30.77 -3.08 7.26
CA SER C 62 31.30 -2.28 6.15
C SER C 62 32.81 -2.46 5.94
N VAL C 63 33.54 -2.81 7.00
CA VAL C 63 34.99 -2.99 6.91
C VAL C 63 35.42 -4.43 6.60
N PHE C 64 34.45 -5.29 6.34
CA PHE C 64 34.76 -6.69 6.04
C PHE C 64 35.77 -6.88 4.89
N LYS C 65 36.74 -7.77 5.09
CA LYS C 65 37.68 -8.22 4.05
C LYS C 65 37.80 -9.73 4.15
N ASP C 66 38.23 -10.39 3.08
CA ASP C 66 38.37 -11.85 3.13
C ASP C 66 39.57 -12.25 3.98
N GLU C 67 40.50 -11.31 4.16
CA GLU C 67 41.70 -11.55 4.93
C GLU C 67 41.36 -12.03 6.35
N ALA C 68 41.97 -13.15 6.74
CA ALA C 68 41.58 -13.90 7.92
C ALA C 68 41.44 -13.10 9.22
N THR C 69 42.31 -12.11 9.41
CA THR C 69 42.33 -11.35 10.64
C THR C 69 41.17 -10.36 10.68
N VAL C 70 40.93 -9.72 9.55
CA VAL C 70 39.82 -8.78 9.47
C VAL C 70 38.49 -9.56 9.50
N ARG C 71 38.46 -10.68 8.80
CA ARG C 71 37.28 -11.53 8.74
C ARG C 71 36.84 -11.97 10.15
N MET C 72 37.81 -12.36 10.97
CA MET C 72 37.51 -12.81 12.32
C MET C 72 37.07 -11.65 13.19
N ALA C 73 37.74 -10.52 13.06
CA ALA C 73 37.39 -9.36 13.87
C ALA C 73 35.95 -8.94 13.59
N VAL C 74 35.58 -8.89 12.31
CA VAL C 74 34.25 -8.51 11.90
C VAL C 74 33.20 -9.51 12.41
N GLN C 75 33.45 -10.79 12.17
CA GLN C 75 32.55 -11.83 12.65
C GLN C 75 32.37 -11.86 14.17
N ASP C 76 33.45 -11.61 14.92
CA ASP C 76 33.39 -11.62 16.37
C ASP C 76 32.63 -10.41 16.88
N ALA C 77 32.82 -9.26 16.23
CA ALA C 77 32.09 -8.08 16.63
C ALA C 77 30.60 -8.23 16.30
N VAL C 78 30.28 -8.84 15.18
CA VAL C 78 28.87 -9.06 14.81
C VAL C 78 28.21 -9.99 15.83
N ASP C 79 28.92 -11.07 16.17
CA ASP C 79 28.45 -12.02 17.14
C ASP C 79 28.19 -11.38 18.49
N ALA C 80 29.15 -10.62 18.99
CA ALA C 80 28.97 -10.02 20.31
C ALA C 80 27.81 -9.03 20.28
N LEU C 81 27.71 -8.26 19.20
CA LEU C 81 26.64 -7.30 19.04
C LEU C 81 25.27 -8.00 18.96
N MET C 82 25.13 -8.97 18.05
CA MET C 82 23.83 -9.58 17.78
C MET C 82 23.42 -10.58 18.87
N GLN C 83 24.38 -11.24 19.49
CA GLN C 83 24.05 -12.07 20.64
C GLN C 83 23.44 -11.24 21.77
N LYS C 84 24.01 -10.07 22.02
CA LYS C 84 23.43 -9.18 23.04
C LYS C 84 22.03 -8.68 22.61
N ALA C 85 21.88 -8.23 21.37
CA ALA C 85 20.58 -7.77 20.87
C ALA C 85 19.52 -8.88 20.91
N PHE C 86 19.80 -10.00 20.27
CA PHE C 86 18.80 -11.07 20.14
C PHE C 86 18.39 -11.67 21.49
N ASN C 87 19.30 -11.64 22.46
CA ASN C 87 19.00 -12.24 23.77
C ASN C 87 18.28 -11.28 24.70
N SER C 88 18.02 -10.05 24.24
CA SER C 88 17.28 -9.07 25.03
C SER C 88 15.77 -9.28 24.92
N SER C 89 15.07 -8.99 26.02
CA SER C 89 13.62 -9.11 26.05
C SER C 89 12.95 -7.97 25.29
N SER C 90 13.56 -6.79 25.35
CA SER C 90 13.02 -5.58 24.71
C SER C 90 13.43 -5.38 23.23
N PHE C 91 14.18 -6.33 22.67
CA PHE C 91 14.62 -6.22 21.28
C PHE C 91 13.66 -6.94 20.36
N ASN C 92 13.02 -6.21 19.47
CA ASN C 92 12.11 -6.84 18.50
C ASN C 92 12.91 -7.23 17.27
N SER C 93 13.10 -8.53 17.10
CA SER C 93 13.98 -9.03 16.06
C SER C 93 13.37 -8.86 14.66
N ASN C 94 12.04 -8.85 14.60
CA ASN C 94 11.38 -8.61 13.33
C ASN C 94 11.61 -7.19 12.81
N THR C 95 11.52 -6.22 13.72
CA THR C 95 11.81 -4.84 13.39
C THR C 95 13.26 -4.68 12.98
N PHE C 96 14.16 -5.39 13.66
CA PHE C 96 15.58 -5.39 13.24
C PHE C 96 15.71 -5.85 11.80
N LEU C 97 15.14 -7.00 11.47
CA LEU C 97 15.22 -7.49 10.09
C LEU C 97 14.65 -6.50 9.07
N THR C 98 13.51 -5.92 9.38
CA THR C 98 12.87 -4.97 8.48
C THR C 98 13.78 -3.77 8.24
N ARG C 99 14.28 -3.20 9.32
CA ARG C 99 15.12 -2.02 9.22
C ARG C 99 16.46 -2.30 8.54
N LEU C 100 16.98 -3.51 8.75
CA LEU C 100 18.18 -3.95 8.03
C LEU C 100 17.92 -4.01 6.53
N LEU C 101 16.79 -4.60 6.14
CA LEU C 101 16.48 -4.70 4.72
C LEU C 101 16.27 -3.31 4.14
N VAL C 102 15.64 -2.43 4.93
CA VAL C 102 15.46 -1.05 4.51
C VAL C 102 16.80 -0.37 4.26
N HIS C 103 17.72 -0.45 5.22
CA HIS C 103 19.02 0.20 5.09
C HIS C 103 19.90 -0.42 4.02
N MET C 104 19.66 -1.68 3.66
CA MET C 104 20.38 -2.32 2.57
C MET C 104 19.68 -2.01 1.23
N GLY C 105 18.63 -1.20 1.26
CA GLY C 105 17.96 -0.82 0.03
C GLY C 105 17.16 -1.95 -0.59
N LEU C 106 16.84 -2.97 0.20
CA LEU C 106 16.11 -4.11 -0.34
C LEU C 106 14.60 -3.99 -0.14
N LEU C 107 14.19 -3.07 0.72
CA LEU C 107 12.79 -2.93 1.07
C LEU C 107 12.55 -1.44 1.29
N LYS C 108 11.42 -0.95 0.79
CA LYS C 108 11.10 0.48 0.87
C LYS C 108 10.66 0.86 2.29
N SER C 109 10.69 2.16 2.59
CA SER C 109 10.28 2.63 3.91
C SER C 109 9.50 3.94 3.86
N GLU C 110 8.66 4.17 4.86
CA GLU C 110 7.85 5.38 4.93
C GLU C 110 8.79 6.56 5.14
N ASP C 111 9.67 6.44 6.13
CA ASP C 111 10.74 7.40 6.31
C ASP C 111 11.71 7.19 5.18
N LYS C 112 12.50 8.20 4.87
CA LYS C 112 13.37 8.10 3.70
C LYS C 112 14.81 7.95 4.10
N VAL C 113 15.43 6.88 3.63
CA VAL C 113 16.73 6.46 4.11
C VAL C 113 17.72 6.45 2.96
N LYS C 114 19.01 6.52 3.26
CA LYS C 114 20.04 6.30 2.25
C LYS C 114 20.40 4.83 2.26
N ALA C 115 20.08 4.13 1.18
CA ALA C 115 20.61 2.79 1.02
C ALA C 115 22.13 2.93 0.91
N ILE C 116 22.83 2.00 1.53
CA ILE C 116 24.28 1.97 1.45
C ILE C 116 24.65 1.42 0.08
N ALA C 117 25.80 1.85 -0.43
CA ALA C 117 26.15 1.53 -1.81
C ALA C 117 26.70 0.12 -2.00
N ASN C 118 27.54 -0.31 -1.06
CA ASN C 118 28.20 -1.62 -1.18
C ASN C 118 27.67 -2.63 -0.17
N LEU C 119 27.10 -3.72 -0.67
CA LEU C 119 26.48 -4.73 0.19
C LEU C 119 27.38 -5.94 0.49
N TYR C 120 28.57 -5.96 -0.09
CA TYR C 120 29.47 -7.10 0.07
C TYR C 120 29.72 -7.46 1.55
N GLY C 121 30.13 -6.47 2.33
CA GLY C 121 30.40 -6.66 3.75
C GLY C 121 29.18 -7.12 4.54
N PRO C 122 28.09 -6.36 4.46
CA PRO C 122 26.83 -6.78 5.09
C PRO C 122 26.44 -8.22 4.74
N LEU C 123 26.57 -8.62 3.48
CA LEU C 123 26.18 -9.95 3.06
C LEU C 123 27.07 -11.04 3.64
N MET C 124 28.38 -10.78 3.70
CA MET C 124 29.31 -11.76 4.28
C MET C 124 29.07 -11.86 5.80
N ALA C 125 28.77 -10.74 6.43
CA ALA C 125 28.49 -10.74 7.87
C ALA C 125 27.21 -11.50 8.11
N LEU C 126 26.20 -11.27 7.28
CA LEU C 126 24.94 -12.02 7.39
C LEU C 126 25.18 -13.52 7.25
N ASN C 127 26.02 -13.88 6.29
CA ASN C 127 26.37 -15.28 6.06
C ASN C 127 26.81 -15.93 7.37
N HIS C 128 27.66 -15.22 8.09
CA HIS C 128 28.15 -15.71 9.37
C HIS C 128 27.05 -15.66 10.45
N MET C 129 26.36 -14.52 10.56
CA MET C 129 25.38 -14.29 11.63
C MET C 129 24.30 -15.38 11.65
N VAL C 130 23.91 -15.78 10.45
CA VAL C 130 22.73 -16.58 10.21
C VAL C 130 22.98 -18.04 10.61
N GLN C 131 24.26 -18.40 10.69
CA GLN C 131 24.67 -19.73 11.16
C GLN C 131 24.82 -19.83 12.69
N GLN C 132 24.74 -18.72 13.41
CA GLN C 132 25.00 -18.77 14.85
C GLN C 132 23.78 -19.23 15.64
N ASP C 133 24.03 -19.92 16.75
CA ASP C 133 22.96 -20.37 17.62
C ASP C 133 22.05 -19.23 18.07
N TYR C 134 22.58 -18.02 18.21
CA TYR C 134 21.75 -16.93 18.70
C TYR C 134 20.74 -16.44 17.66
N PHE C 135 20.92 -16.86 16.42
CA PHE C 135 20.16 -16.25 15.36
C PHE C 135 18.76 -16.86 15.33
N PRO C 136 17.73 -16.03 15.49
CA PRO C 136 16.40 -16.66 15.49
C PRO C 136 16.04 -17.13 14.09
N LYS C 137 15.75 -18.42 13.98
CA LYS C 137 15.56 -19.06 12.68
C LYS C 137 14.31 -18.63 11.92
N ALA C 138 13.32 -18.10 12.63
CA ALA C 138 12.11 -17.65 11.93
C ALA C 138 12.40 -16.48 11.00
N LEU C 139 13.52 -15.79 11.21
CA LEU C 139 13.91 -14.70 10.33
C LEU C 139 14.49 -15.19 9.01
N ALA C 140 15.00 -16.41 8.98
CA ALA C 140 15.62 -16.89 7.74
C ALA C 140 14.72 -16.83 6.47
N PRO C 141 13.43 -17.20 6.58
CA PRO C 141 12.62 -17.12 5.34
C PRO C 141 12.51 -15.70 4.77
N LEU C 142 12.43 -14.72 5.66
CA LEU C 142 12.28 -13.33 5.26
C LEU C 142 13.54 -12.89 4.52
N LEU C 143 14.68 -13.25 5.10
CA LEU C 143 15.97 -12.90 4.54
C LEU C 143 16.11 -13.57 3.20
N LEU C 144 15.72 -14.84 3.16
CA LEU C 144 15.78 -15.60 1.91
C LEU C 144 14.96 -14.89 0.81
N ALA C 145 13.74 -14.47 1.15
CA ALA C 145 12.86 -13.82 0.19
C ALA C 145 13.48 -12.56 -0.40
N PHE C 146 14.06 -11.74 0.46
CA PHE C 146 14.61 -10.46 0.04
C PHE C 146 16.01 -10.48 -0.56
N VAL C 147 16.78 -11.52 -0.30
CA VAL C 147 18.07 -11.67 -0.95
C VAL C 147 17.89 -12.30 -2.34
N THR C 148 16.81 -13.07 -2.49
CA THR C 148 16.48 -13.68 -3.76
C THR C 148 15.90 -12.65 -4.72
N LYS C 149 15.01 -11.81 -4.18
CA LYS C 149 14.36 -10.77 -4.95
C LYS C 149 15.37 -9.94 -5.74
N PRO C 150 15.11 -9.72 -7.05
CA PRO C 150 16.05 -8.98 -7.89
C PRO C 150 16.39 -7.59 -7.32
N ASN C 151 17.67 -7.29 -7.27
CA ASN C 151 18.13 -5.99 -6.83
C ASN C 151 19.48 -5.76 -7.50
N SER C 152 19.74 -4.55 -7.96
CA SER C 152 20.97 -4.26 -8.69
C SER C 152 22.18 -4.29 -7.76
N ALA C 153 22.04 -3.67 -6.61
CA ALA C 153 23.12 -3.64 -5.61
C ALA C 153 23.54 -5.05 -5.19
N LEU C 154 22.59 -5.96 -5.06
CA LEU C 154 22.91 -7.36 -4.77
C LEU C 154 23.68 -8.01 -5.93
N GLU C 155 23.36 -7.62 -7.16
CA GLU C 155 24.06 -8.15 -8.34
C GLU C 155 25.54 -7.75 -8.37
N SER C 156 25.88 -6.58 -7.86
CA SER C 156 27.27 -6.13 -7.77
C SER C 156 28.09 -7.00 -6.80
N CYS C 157 27.39 -7.61 -5.84
CA CYS C 157 27.92 -8.58 -4.86
C CYS C 157 27.61 -10.05 -5.06
N SER C 158 27.37 -10.44 -6.31
CA SER C 158 26.83 -11.74 -6.65
C SER C 158 27.48 -12.94 -5.95
N PHE C 159 28.78 -12.90 -5.71
CA PHE C 159 29.40 -14.05 -5.06
C PHE C 159 28.97 -14.17 -3.59
N ALA C 160 29.06 -13.05 -2.86
CA ALA C 160 28.62 -13.01 -1.47
C ALA C 160 27.11 -13.31 -1.38
N ARG C 161 26.34 -12.77 -2.34
CA ARG C 161 24.90 -12.99 -2.38
C ARG C 161 24.60 -14.48 -2.49
N HIS C 162 25.30 -15.11 -3.41
CA HIS C 162 25.15 -16.54 -3.67
C HIS C 162 25.48 -17.40 -2.46
N SER C 163 26.61 -17.08 -1.81
CA SER C 163 27.02 -17.76 -0.58
C SER C 163 25.93 -17.64 0.48
N LEU C 164 25.45 -16.42 0.70
CA LEU C 164 24.43 -16.20 1.72
C LEU C 164 23.16 -17.02 1.42
N LEU C 165 22.75 -17.05 0.16
CA LEU C 165 21.57 -17.81 -0.25
C LEU C 165 21.73 -19.28 0.06
N GLN C 166 22.86 -19.85 -0.32
CA GLN C 166 23.18 -21.24 -0.03
C GLN C 166 23.07 -21.53 1.45
N THR C 167 23.69 -20.68 2.27
CA THR C 167 23.68 -20.83 3.72
C THR C 167 22.25 -20.80 4.23
N LEU C 168 21.47 -19.84 3.73
CA LEU C 168 20.11 -19.64 4.22
C LEU C 168 19.23 -20.86 3.95
N TYR C 169 19.47 -21.52 2.83
CA TYR C 169 18.69 -22.70 2.45
C TYR C 169 18.88 -23.87 3.40
N LYS C 170 20.01 -23.89 4.09
CA LYS C 170 20.34 -24.94 5.04
C LYS C 170 19.86 -24.64 6.46
N VAL C 171 19.40 -23.41 6.70
CA VAL C 171 19.03 -23.00 8.05
C VAL C 171 17.71 -23.64 8.49
N LEU D 2 -21.74 1.30 -38.19
CA LEU D 2 -20.89 1.60 -37.05
C LEU D 2 -21.05 0.62 -35.88
N ASP D 3 -19.91 0.22 -35.34
CA ASP D 3 -19.84 -0.80 -34.29
C ASP D 3 -20.17 -0.25 -32.89
N VAL D 4 -19.64 0.94 -32.61
CA VAL D 4 -19.89 1.62 -31.35
C VAL D 4 -20.10 3.11 -31.62
N LEU D 5 -21.11 3.68 -30.98
CA LEU D 5 -21.43 5.08 -31.19
C LEU D 5 -21.78 5.76 -29.86
N ILE D 6 -21.14 6.89 -29.59
CA ILE D 6 -21.46 7.66 -28.38
C ILE D 6 -22.79 8.34 -28.62
N VAL D 7 -23.78 8.01 -27.80
CA VAL D 7 -25.07 8.68 -27.89
C VAL D 7 -25.39 9.66 -26.74
N TYR D 8 -24.57 9.68 -25.70
CA TYR D 8 -24.84 10.51 -24.54
C TYR D 8 -23.57 10.81 -23.72
N GLU D 9 -23.50 12.01 -23.17
CA GLU D 9 -22.42 12.36 -22.25
C GLU D 9 -22.96 13.22 -21.10
N LEU D 10 -22.81 12.76 -19.86
CA LEU D 10 -23.28 13.55 -18.73
C LEU D 10 -22.42 14.80 -18.60
N THR D 11 -23.07 15.96 -18.67
CA THR D 11 -22.36 17.23 -18.67
C THR D 11 -23.02 18.10 -17.61
N PRO D 12 -22.22 18.81 -16.81
CA PRO D 12 -22.83 19.61 -15.74
C PRO D 12 -23.42 20.91 -16.27
N THR D 13 -24.36 21.49 -15.53
CA THR D 13 -24.83 22.83 -15.79
C THR D 13 -23.72 23.81 -15.48
N VAL D 14 -23.84 25.04 -15.96
CA VAL D 14 -22.90 26.10 -15.65
C VAL D 14 -22.65 26.20 -14.12
N GLU D 15 -23.72 26.19 -13.33
CA GLU D 15 -23.62 26.32 -11.87
C GLU D 15 -22.91 25.15 -11.20
N GLU D 16 -23.34 23.93 -11.54
CA GLU D 16 -22.70 22.75 -11.01
C GLU D 16 -21.24 22.68 -11.38
N LYS D 17 -20.90 23.10 -12.59
CA LYS D 17 -19.50 23.04 -13.01
C LYS D 17 -18.64 24.08 -12.29
N ALA D 18 -19.19 25.25 -12.02
CA ALA D 18 -18.47 26.30 -11.30
C ALA D 18 -18.14 25.83 -9.88
N LYS D 19 -19.13 25.22 -9.23
CA LYS D 19 -19.02 24.69 -7.89
C LYS D 19 -17.97 23.61 -7.82
N ALA D 20 -18.03 22.65 -8.75
CA ALA D 20 -17.04 21.59 -8.80
C ALA D 20 -15.63 22.14 -9.03
N ASP D 21 -15.48 23.02 -10.02
CA ASP D 21 -14.18 23.60 -10.37
C ASP D 21 -13.51 24.35 -9.21
N THR D 22 -14.31 25.08 -8.43
CA THR D 22 -13.82 25.79 -7.26
C THR D 22 -13.15 24.82 -6.27
N LEU D 23 -13.73 23.64 -6.13
CA LEU D 23 -13.23 22.64 -5.19
C LEU D 23 -12.29 21.62 -5.84
N LYS D 24 -11.96 21.86 -7.11
CA LYS D 24 -11.17 20.94 -7.93
C LYS D 24 -11.75 19.54 -8.00
N LEU D 25 -13.07 19.45 -7.87
CA LEU D 25 -13.78 18.18 -7.95
C LEU D 25 -14.02 17.79 -9.42
N PRO D 26 -14.36 16.52 -9.67
CA PRO D 26 -14.77 16.15 -11.03
C PRO D 26 -15.94 17.02 -11.45
N PRO D 27 -15.95 17.49 -12.70
CA PRO D 27 -16.99 18.42 -13.15
C PRO D 27 -18.43 17.89 -13.00
N THR D 28 -18.61 16.58 -12.96
CA THR D 28 -19.95 16.01 -12.79
C THR D 28 -20.29 15.64 -11.33
N PHE D 29 -19.39 15.98 -10.40
CA PHE D 29 -19.53 15.57 -8.99
C PHE D 29 -20.91 15.83 -8.37
N PHE D 30 -21.51 16.97 -8.65
CA PHE D 30 -22.77 17.32 -8.01
C PHE D 30 -24.03 16.90 -8.81
N TYR D 32 -25.41 14.15 -8.98
CA TYR D 32 -26.31 13.29 -8.20
C TYR D 32 -27.49 14.10 -7.68
N LYS D 33 -27.31 15.41 -7.59
CA LYS D 33 -28.34 16.31 -7.08
C LYS D 33 -29.50 16.48 -8.08
N ASN D 34 -29.23 16.21 -9.36
CA ASN D 34 -30.28 16.29 -10.39
C ASN D 34 -30.66 14.91 -10.92
N ARG D 35 -31.82 14.44 -10.48
CA ARG D 35 -32.38 13.14 -10.87
C ARG D 35 -33.65 12.92 -10.04
N PRO D 36 -34.57 12.06 -10.52
CA PRO D 36 -35.86 11.87 -9.84
C PRO D 36 -35.75 11.47 -8.37
N ASP D 37 -34.65 10.78 -8.02
CA ASP D 37 -34.50 10.15 -6.72
C ASP D 37 -34.16 11.10 -5.57
N TYR D 38 -33.65 12.28 -5.92
CA TYR D 38 -33.11 13.20 -4.91
C TYR D 38 -34.20 13.82 -4.04
N VAL D 39 -34.10 13.69 -2.73
CA VAL D 39 -35.11 14.27 -1.85
C VAL D 39 -34.74 15.74 -1.53
N SER D 40 -33.77 15.91 -0.62
CA SER D 40 -33.03 17.14 -0.38
C SER D 40 -32.21 16.93 0.89
N GLU D 41 -31.44 17.94 1.24
CA GLU D 41 -30.88 18.04 2.59
C GLU D 41 -32.04 17.91 3.61
N GLU D 42 -32.01 16.97 4.58
CA GLU D 42 -30.85 16.18 5.01
C GLU D 42 -29.77 17.16 5.44
N GLU D 43 -30.22 18.14 6.22
CA GLU D 43 -29.41 19.28 6.62
C GLU D 43 -28.46 18.94 7.77
N GLU D 44 -28.96 18.14 8.71
CA GLU D 44 -28.23 17.87 9.95
C GLU D 44 -27.47 16.55 9.94
N ASP D 45 -26.14 16.63 10.03
CA ASP D 45 -25.30 15.45 10.02
C ASP D 45 -24.63 15.32 11.39
N ASP D 46 -25.22 14.47 12.24
CA ASP D 46 -24.62 14.15 13.54
C ASP D 46 -24.01 12.75 13.64
N GLU D 47 -24.20 11.95 12.60
CA GLU D 47 -23.85 10.53 12.63
C GLU D 47 -22.38 10.35 12.96
N ASP D 48 -22.05 9.31 13.71
CA ASP D 48 -20.65 9.04 13.98
C ASP D 48 -20.26 7.72 13.33
N PHE D 49 -18.98 7.38 13.44
CA PHE D 49 -18.47 6.20 12.76
C PHE D 49 -19.08 4.95 13.36
N GLU D 50 -19.12 4.92 14.69
CA GLU D 50 -19.64 3.77 15.42
C GLU D 50 -21.07 3.40 15.00
N THR D 51 -21.95 4.39 14.87
CA THR D 51 -23.34 4.08 14.53
C THR D 51 -23.50 3.75 13.05
N ALA D 52 -22.68 4.37 12.20
CA ALA D 52 -22.73 4.09 10.77
C ALA D 52 -22.38 2.63 10.51
N VAL D 53 -21.38 2.14 11.24
CA VAL D 53 -21.00 0.73 11.15
C VAL D 53 -22.14 -0.13 11.67
N LYS D 54 -22.78 0.35 12.75
CA LYS D 54 -23.92 -0.35 13.34
C LYS D 54 -25.09 -0.47 12.35
N LYS D 55 -25.38 0.61 11.64
CA LYS D 55 -26.49 0.62 10.68
C LYS D 55 -26.30 -0.32 9.51
N LEU D 56 -25.11 -0.88 9.38
CA LEU D 56 -24.83 -1.84 8.32
C LEU D 56 -25.56 -3.15 8.60
N ASN D 57 -25.79 -3.42 9.89
CA ASN D 57 -26.41 -4.67 10.32
C ASN D 57 -25.69 -5.89 9.80
N GLY D 58 -24.36 -5.78 9.67
CA GLY D 58 -23.55 -6.89 9.23
C GLY D 58 -23.73 -7.30 7.79
N LYS D 59 -24.44 -6.49 7.01
CA LYS D 59 -24.67 -6.80 5.59
C LYS D 59 -23.74 -5.99 4.68
N LEU D 60 -22.76 -6.66 4.10
CA LEU D 60 -21.74 -5.98 3.30
C LEU D 60 -22.01 -5.95 1.80
N TYR D 61 -22.94 -6.78 1.33
CA TYR D 61 -23.11 -6.95 -0.10
C TYR D 61 -24.56 -6.87 -0.53
N LEU D 62 -24.80 -6.32 -1.71
CA LEU D 62 -26.13 -6.39 -2.32
C LEU D 62 -26.51 -7.85 -2.53
#